data_1VH9
#
_entry.id   1VH9
#
_cell.length_a   53.822
_cell.length_b   125.050
_cell.length_c   83.050
_cell.angle_alpha   90.00
_cell.angle_beta   90.00
_cell.angle_gamma   90.00
#
_symmetry.space_group_name_H-M   'C 2 2 21'
#
loop_
_entity.id
_entity.type
_entity.pdbx_description
1 polymer 'Hypothetical protein ybdB'
2 water water
#
_entity_poly.entity_id   1
_entity_poly.type   'polypeptide(L)'
_entity_poly.pdbx_seq_one_letter_code
;MSLIWKRHLTLDELNATSDNTMVAHLGIVYTRLGDDVLEAEMPVDTRTHQPFGLLHGGASAALAETLGSMAGFMMTRDGQ
CVVGTELNATHHRPVSEGKVRGVCQPLHLGRQNQSWEIVVFDEQGRRCCTCRLGTAVLGEGGSHHHHHH
;
_entity_poly.pdbx_strand_id   A,B
#
# COMPACT_ATOMS: atom_id res chain seq x y z
N SER A 2 10.88 18.07 -4.24
CA SER A 2 11.87 18.35 -3.14
C SER A 2 12.80 17.17 -2.93
N LEU A 3 14.09 17.45 -2.83
CA LEU A 3 15.08 16.40 -2.61
C LEU A 3 14.94 15.94 -1.16
N ILE A 4 14.86 14.63 -0.96
CA ILE A 4 14.71 14.09 0.38
C ILE A 4 15.94 13.33 0.84
N TRP A 5 16.70 12.83 -0.13
CA TRP A 5 17.89 12.03 0.13
C TRP A 5 18.93 12.75 1.00
N LYS A 6 19.48 12.00 1.97
CA LYS A 6 20.50 12.52 2.87
C LYS A 6 21.87 12.16 2.31
N ARG A 7 21.96 10.97 1.71
CA ARG A 7 23.19 10.53 1.09
C ARG A 7 23.01 10.77 -0.40
N HIS A 8 23.96 11.48 -1.02
CA HIS A 8 23.86 11.76 -2.45
C HIS A 8 24.81 10.88 -3.25
N LEU A 9 24.26 9.85 -3.89
CA LEU A 9 25.05 8.92 -4.69
C LEU A 9 24.58 8.92 -6.14
N THR A 10 25.34 8.30 -7.02
CA THR A 10 24.98 8.25 -8.43
C THR A 10 24.51 6.84 -8.77
N LEU A 11 23.83 6.69 -9.90
CA LEU A 11 23.33 5.39 -10.31
C LEU A 11 24.46 4.38 -10.48
N ASP A 12 25.57 4.85 -11.05
CA ASP A 12 26.74 3.99 -11.24
C ASP A 12 27.24 3.45 -9.91
N GLU A 13 27.26 4.31 -8.90
CA GLU A 13 27.71 3.90 -7.58
C GLU A 13 26.68 2.96 -6.96
N LEU A 14 25.39 3.26 -7.18
CA LEU A 14 24.33 2.42 -6.64
C LEU A 14 24.44 1.00 -7.19
N ASN A 15 24.60 0.88 -8.50
CA ASN A 15 24.71 -0.43 -9.14
C ASN A 15 25.98 -1.19 -8.72
N ALA A 16 27.01 -0.44 -8.34
CA ALA A 16 28.26 -1.06 -7.92
C ALA A 16 28.12 -1.85 -6.61
N THR A 17 27.05 -1.59 -5.86
CA THR A 17 26.83 -2.29 -4.60
C THR A 17 26.23 -3.67 -4.81
N SER A 18 25.59 -3.87 -5.97
CA SER A 18 24.94 -5.13 -6.32
C SER A 18 25.92 -6.27 -6.61
N ASP A 19 27.13 -5.90 -6.99
CA ASP A 19 28.16 -6.89 -7.32
C ASP A 19 28.30 -7.99 -6.27
N ASN A 20 28.20 -9.23 -6.74
CA ASN A 20 28.32 -10.41 -5.88
C ASN A 20 27.22 -10.57 -4.83
N THR A 21 26.02 -10.10 -5.14
CA THR A 21 24.89 -10.23 -4.22
C THR A 21 23.74 -10.82 -5.01
N MET A 22 22.59 -10.96 -4.34
CA MET A 22 21.40 -11.51 -4.98
C MET A 22 20.89 -10.53 -6.03
N VAL A 23 21.11 -9.24 -5.78
CA VAL A 23 20.65 -8.20 -6.71
C VAL A 23 21.21 -8.42 -8.10
N ALA A 24 22.52 -8.66 -8.20
CA ALA A 24 23.17 -8.89 -9.49
C ALA A 24 22.78 -10.26 -10.04
N HIS A 25 22.60 -11.22 -9.14
CA HIS A 25 22.25 -12.57 -9.53
C HIS A 25 20.91 -12.64 -10.27
N LEU A 26 20.04 -11.65 -10.01
CA LEU A 26 18.74 -11.61 -10.66
C LEU A 26 18.67 -10.58 -11.80
N GLY A 27 19.77 -9.89 -12.04
CA GLY A 27 19.80 -8.90 -13.11
C GLY A 27 19.11 -7.59 -12.79
N ILE A 28 18.97 -7.26 -11.51
CA ILE A 28 18.33 -6.02 -11.12
C ILE A 28 19.26 -4.83 -11.34
N VAL A 29 18.78 -3.82 -12.05
CA VAL A 29 19.57 -2.63 -12.35
C VAL A 29 18.86 -1.33 -11.96
N TYR A 30 19.49 -0.53 -11.10
CA TYR A 30 18.92 0.75 -10.70
C TYR A 30 18.88 1.57 -11.97
N THR A 31 17.73 2.17 -12.29
CA THR A 31 17.57 2.92 -13.52
C THR A 31 17.12 4.37 -13.44
N ARG A 32 16.70 4.81 -12.27
CA ARG A 32 16.26 6.20 -12.13
C ARG A 32 16.30 6.68 -10.69
N LEU A 33 16.78 7.89 -10.49
CA LEU A 33 16.87 8.48 -9.16
C LEU A 33 16.40 9.93 -9.18
N GLY A 34 15.18 10.15 -8.69
CA GLY A 34 14.63 11.48 -8.66
C GLY A 34 14.85 12.13 -7.31
N ASP A 35 14.12 13.21 -7.03
CA ASP A 35 14.27 13.91 -5.75
C ASP A 35 13.59 13.16 -4.62
N ASP A 36 12.59 12.36 -4.95
CA ASP A 36 11.85 11.61 -3.95
C ASP A 36 11.36 10.27 -4.47
N VAL A 37 12.09 9.68 -5.41
CA VAL A 37 11.71 8.40 -5.99
C VAL A 37 12.93 7.63 -6.50
N LEU A 38 12.86 6.30 -6.42
CA LEU A 38 13.95 5.42 -6.87
C LEU A 38 13.37 4.27 -7.71
N GLU A 39 13.90 4.10 -8.91
CA GLU A 39 13.44 3.05 -9.81
C GLU A 39 14.51 2.05 -10.21
N ALA A 40 14.09 0.80 -10.45
CA ALA A 40 14.99 -0.27 -10.87
C ALA A 40 14.20 -1.24 -11.73
N GLU A 41 14.87 -1.83 -12.73
CA GLU A 41 14.23 -2.78 -13.63
C GLU A 41 14.83 -4.17 -13.46
N MET A 42 14.01 -5.19 -13.72
CA MET A 42 14.41 -6.58 -13.58
C MET A 42 13.89 -7.38 -14.76
N PRO A 43 14.71 -8.32 -15.28
CA PRO A 43 14.33 -9.17 -16.42
C PRO A 43 13.43 -10.34 -16.07
N VAL A 44 12.60 -10.75 -17.02
CA VAL A 44 11.71 -11.89 -16.83
C VAL A 44 12.25 -13.02 -17.69
N ASP A 45 13.17 -13.82 -17.13
CA ASP A 45 13.75 -14.93 -17.86
C ASP A 45 14.06 -16.09 -16.92
N THR A 46 14.80 -17.07 -17.42
CA THR A 46 15.18 -18.26 -16.64
C THR A 46 15.52 -18.00 -15.17
N ARG A 47 16.21 -16.89 -14.90
CA ARG A 47 16.64 -16.54 -13.56
C ARG A 47 15.52 -16.12 -12.60
N THR A 48 14.42 -15.59 -13.14
CA THR A 48 13.29 -15.11 -12.34
C THR A 48 11.96 -15.81 -12.65
N HIS A 49 12.03 -16.89 -13.43
CA HIS A 49 10.84 -17.64 -13.83
C HIS A 49 10.32 -18.65 -12.84
N GLN A 50 9.05 -19.00 -13.00
CA GLN A 50 8.41 -20.03 -12.21
C GLN A 50 8.06 -21.07 -13.27
N PRO A 51 7.86 -22.34 -12.86
CA PRO A 51 7.53 -23.45 -13.76
C PRO A 51 6.93 -23.18 -15.14
N PHE A 52 5.71 -22.64 -15.17
CA PHE A 52 5.04 -22.37 -16.45
C PHE A 52 5.74 -21.35 -17.36
N GLY A 53 6.60 -20.51 -16.79
CA GLY A 53 7.31 -19.52 -17.60
C GLY A 53 6.97 -18.08 -17.23
N LEU A 54 6.10 -17.93 -16.23
CA LEU A 54 5.69 -16.60 -15.76
C LEU A 54 6.71 -16.07 -14.75
N LEU A 55 6.58 -14.79 -14.39
CA LEU A 55 7.47 -14.17 -13.41
C LEU A 55 7.15 -14.72 -12.03
N HIS A 56 8.15 -15.27 -11.36
CA HIS A 56 7.99 -15.85 -10.02
C HIS A 56 7.59 -14.77 -9.01
N GLY A 57 6.58 -15.08 -8.19
CA GLY A 57 6.12 -14.12 -7.19
C GLY A 57 7.24 -13.73 -6.24
N GLY A 58 8.25 -14.59 -6.15
CA GLY A 58 9.38 -14.32 -5.28
C GLY A 58 10.32 -13.26 -5.82
N ALA A 59 10.41 -13.15 -7.14
CA ALA A 59 11.28 -12.17 -7.78
C ALA A 59 10.75 -10.76 -7.55
N SER A 60 9.44 -10.61 -7.70
CA SER A 60 8.82 -9.30 -7.48
C SER A 60 9.06 -8.89 -6.03
N ALA A 61 8.88 -9.84 -5.12
CA ALA A 61 9.09 -9.57 -3.71
C ALA A 61 10.53 -9.13 -3.46
N ALA A 62 11.46 -9.82 -4.10
CA ALA A 62 12.88 -9.50 -3.94
C ALA A 62 13.19 -8.11 -4.49
N LEU A 63 12.56 -7.75 -5.61
CA LEU A 63 12.80 -6.45 -6.19
C LEU A 63 12.32 -5.36 -5.22
N ALA A 64 11.16 -5.57 -4.62
CA ALA A 64 10.61 -4.62 -3.67
C ALA A 64 11.50 -4.48 -2.45
N GLU A 65 11.95 -5.60 -1.91
CA GLU A 65 12.82 -5.60 -0.74
C GLU A 65 14.13 -4.86 -1.06
N THR A 66 14.62 -5.02 -2.29
CA THR A 66 15.85 -4.37 -2.72
C THR A 66 15.72 -2.84 -2.76
N LEU A 67 14.63 -2.37 -3.38
CA LEU A 67 14.41 -0.93 -3.50
C LEU A 67 14.16 -0.25 -2.15
N GLY A 68 13.30 -0.83 -1.33
CA GLY A 68 13.01 -0.24 -0.03
C GLY A 68 14.21 -0.10 0.87
N SER A 69 15.07 -1.11 0.87
CA SER A 69 16.28 -1.11 1.69
C SER A 69 17.26 -0.01 1.28
N MET A 70 17.47 0.13 -0.03
CA MET A 70 18.39 1.12 -0.57
C MET A 70 17.91 2.56 -0.36
N ALA A 71 16.61 2.79 -0.58
CA ALA A 71 16.03 4.11 -0.39
C ALA A 71 16.16 4.45 1.08
N GLY A 72 15.88 3.47 1.93
CA GLY A 72 15.98 3.68 3.36
C GLY A 72 17.40 4.06 3.74
N PHE A 73 18.37 3.37 3.15
CA PHE A 73 19.78 3.64 3.40
C PHE A 73 20.13 5.09 3.03
N MET A 74 19.65 5.53 1.87
CA MET A 74 19.94 6.89 1.42
C MET A 74 19.35 7.98 2.32
N MET A 75 18.51 7.58 3.27
CA MET A 75 17.92 8.55 4.18
C MET A 75 18.70 8.63 5.48
N THR A 76 19.73 7.80 5.62
CA THR A 76 20.54 7.79 6.83
C THR A 76 21.81 8.60 6.70
N ARG A 77 22.43 8.90 7.84
CA ARG A 77 23.68 9.66 7.86
C ARG A 77 24.82 8.78 8.36
N ASP A 78 26.04 9.21 8.08
CA ASP A 78 27.24 8.48 8.48
C ASP A 78 27.10 7.81 9.83
N GLY A 79 27.40 6.51 9.87
CA GLY A 79 27.30 5.79 11.13
C GLY A 79 25.97 5.10 11.36
N GLN A 80 24.98 5.43 10.54
CA GLN A 80 23.66 4.83 10.67
C GLN A 80 23.47 3.67 9.69
N CYS A 81 22.53 2.80 10.04
CA CYS A 81 22.22 1.63 9.21
C CYS A 81 20.71 1.39 9.19
N VAL A 82 20.24 0.65 8.18
CA VAL A 82 18.81 0.35 8.06
C VAL A 82 18.60 -1.13 7.79
N VAL A 83 17.45 -1.64 8.19
CA VAL A 83 17.13 -3.05 7.97
C VAL A 83 15.64 -3.24 7.71
N GLY A 84 15.33 -4.08 6.73
CA GLY A 84 13.94 -4.36 6.40
C GLY A 84 13.32 -5.23 7.48
N THR A 85 12.19 -4.80 8.02
CA THR A 85 11.53 -5.53 9.09
C THR A 85 10.22 -6.22 8.74
N GLU A 86 9.39 -5.56 7.94
CA GLU A 86 8.10 -6.11 7.56
C GLU A 86 7.78 -5.92 6.08
N LEU A 87 7.38 -7.00 5.42
CA LEU A 87 7.03 -6.93 4.01
C LEU A 87 5.70 -7.58 3.69
N ASN A 88 4.91 -6.95 2.82
CA ASN A 88 3.66 -7.55 2.36
C ASN A 88 3.54 -7.22 0.87
N ALA A 89 2.85 -8.06 0.13
CA ALA A 89 2.70 -7.86 -1.31
C ALA A 89 1.48 -8.56 -1.86
N THR A 90 0.80 -7.89 -2.78
CA THR A 90 -0.38 -8.41 -3.44
C THR A 90 -0.08 -8.59 -4.92
N HIS A 91 -0.24 -9.81 -5.41
CA HIS A 91 0.01 -10.11 -6.82
C HIS A 91 -1.28 -9.88 -7.61
N HIS A 92 -1.35 -8.78 -8.36
CA HIS A 92 -2.54 -8.44 -9.13
C HIS A 92 -2.64 -9.17 -10.48
N ARG A 93 -1.56 -9.12 -11.25
CA ARG A 93 -1.52 -9.72 -12.60
C ARG A 93 -0.23 -10.49 -12.86
N PRO A 94 -0.28 -11.48 -13.77
CA PRO A 94 0.88 -12.30 -14.13
C PRO A 94 1.72 -11.60 -15.21
N VAL A 95 2.99 -11.95 -15.29
CA VAL A 95 3.88 -11.38 -16.30
C VAL A 95 4.67 -12.55 -16.89
N SER A 96 4.92 -12.54 -18.19
CA SER A 96 5.65 -13.65 -18.79
C SER A 96 6.80 -13.27 -19.72
N GLU A 97 6.91 -12.01 -20.10
CA GLU A 97 7.98 -11.61 -21.00
C GLU A 97 8.45 -10.17 -20.80
N GLY A 98 9.64 -9.90 -21.33
CA GLY A 98 10.20 -8.56 -21.21
C GLY A 98 10.76 -8.30 -19.84
N LYS A 99 10.66 -7.06 -19.39
CA LYS A 99 11.15 -6.69 -18.07
C LYS A 99 10.08 -5.95 -17.28
N VAL A 100 10.23 -5.90 -15.97
CA VAL A 100 9.30 -5.19 -15.11
C VAL A 100 10.06 -4.03 -14.49
N ARG A 101 9.32 -3.01 -14.09
CA ARG A 101 9.94 -1.83 -13.50
C ARG A 101 9.35 -1.53 -12.12
N GLY A 102 10.22 -1.40 -11.13
CA GLY A 102 9.78 -1.10 -9.78
C GLY A 102 9.94 0.37 -9.45
N VAL A 103 8.91 0.96 -8.88
CA VAL A 103 8.95 2.38 -8.51
C VAL A 103 8.74 2.48 -6.99
N CYS A 104 9.75 3.02 -6.31
CA CYS A 104 9.75 3.17 -4.85
C CYS A 104 9.59 4.60 -4.37
N GLN A 105 8.61 4.83 -3.51
CA GLN A 105 8.34 6.15 -2.95
C GLN A 105 8.02 6.05 -1.46
N PRO A 106 8.41 7.06 -0.67
CA PRO A 106 8.16 7.07 0.78
C PRO A 106 6.72 7.37 1.19
N LEU A 107 6.27 6.72 2.25
CA LEU A 107 4.91 6.96 2.76
C LEU A 107 5.04 7.66 4.10
N HIS A 108 6.09 7.30 4.83
CA HIS A 108 6.36 7.89 6.14
C HIS A 108 7.86 7.85 6.41
N LEU A 109 8.40 8.96 6.90
CA LEU A 109 9.82 9.03 7.20
C LEU A 109 10.03 9.45 8.65
N GLY A 110 10.33 8.49 9.50
CA GLY A 110 10.57 8.79 10.91
C GLY A 110 12.04 8.66 11.20
N ARG A 111 12.50 9.18 12.34
CA ARG A 111 13.92 9.08 12.65
C ARG A 111 14.29 7.72 13.20
N GLN A 112 13.28 6.94 13.60
CA GLN A 112 13.52 5.60 14.15
C GLN A 112 13.11 4.50 13.15
N ASN A 113 12.16 4.82 12.27
CA ASN A 113 11.71 3.85 11.28
C ASN A 113 11.05 4.52 10.09
N GLN A 114 10.80 3.75 9.04
CA GLN A 114 10.20 4.27 7.82
C GLN A 114 9.26 3.27 7.15
N SER A 115 8.48 3.76 6.20
CA SER A 115 7.54 2.91 5.47
C SER A 115 7.63 3.32 4.01
N TRP A 116 7.93 2.36 3.15
CA TRP A 116 8.07 2.60 1.71
C TRP A 116 7.05 1.83 0.85
N GLU A 117 6.57 2.47 -0.22
CA GLU A 117 5.66 1.83 -1.16
C GLU A 117 6.48 1.43 -2.39
N ILE A 118 6.18 0.25 -2.94
CA ILE A 118 6.87 -0.19 -4.15
C ILE A 118 5.84 -0.82 -5.09
N VAL A 119 5.59 -0.13 -6.21
CA VAL A 119 4.63 -0.64 -7.19
C VAL A 119 5.43 -1.22 -8.35
N VAL A 120 5.04 -2.40 -8.83
CA VAL A 120 5.73 -3.05 -9.92
C VAL A 120 4.87 -3.08 -11.19
N PHE A 121 5.38 -2.49 -12.28
CA PHE A 121 4.65 -2.43 -13.57
C PHE A 121 5.30 -3.26 -14.68
N ASP A 122 4.48 -3.76 -15.60
CA ASP A 122 5.00 -4.52 -16.73
C ASP A 122 5.32 -3.52 -17.85
N GLU A 123 5.94 -4.00 -18.93
CA GLU A 123 6.31 -3.11 -20.03
C GLU A 123 5.16 -2.39 -20.73
N GLN A 124 3.92 -2.78 -20.42
CA GLN A 124 2.76 -2.12 -21.02
C GLN A 124 2.28 -1.01 -20.11
N GLY A 125 2.96 -0.83 -18.98
CA GLY A 125 2.59 0.22 -18.04
C GLY A 125 1.51 -0.20 -17.05
N ARG A 126 1.13 -1.47 -17.06
CA ARG A 126 0.09 -1.96 -16.15
C ARG A 126 0.64 -2.39 -14.79
N ARG A 127 -0.07 -2.04 -13.72
CA ARG A 127 0.35 -2.41 -12.37
C ARG A 127 0.17 -3.92 -12.18
N CYS A 128 1.24 -4.62 -11.87
CA CYS A 128 1.13 -6.06 -11.67
C CYS A 128 1.34 -6.49 -10.22
N CYS A 129 1.89 -5.61 -9.40
CA CYS A 129 2.15 -5.95 -8.00
C CYS A 129 2.26 -4.70 -7.13
N THR A 130 1.66 -4.74 -5.95
CA THR A 130 1.72 -3.63 -5.00
C THR A 130 2.32 -4.15 -3.69
N CYS A 131 3.41 -3.52 -3.24
CA CYS A 131 4.09 -3.90 -2.00
C CYS A 131 4.32 -2.72 -1.06
N ARG A 132 4.62 -3.02 0.20
CA ARG A 132 4.92 -2.01 1.21
C ARG A 132 6.01 -2.63 2.10
N LEU A 133 7.07 -1.87 2.39
CA LEU A 133 8.15 -2.39 3.22
C LEU A 133 8.45 -1.48 4.41
N GLY A 134 8.46 -2.06 5.60
CA GLY A 134 8.77 -1.28 6.78
C GLY A 134 10.25 -1.48 7.10
N THR A 135 10.94 -0.41 7.50
CA THR A 135 12.35 -0.53 7.85
C THR A 135 12.63 0.08 9.22
N ALA A 136 13.76 -0.32 9.79
CA ALA A 136 14.21 0.19 11.09
C ALA A 136 15.60 0.79 10.92
N VAL A 137 15.80 1.98 11.46
CA VAL A 137 17.11 2.62 11.35
C VAL A 137 17.94 2.23 12.57
N LEU A 138 19.13 1.71 12.32
CA LEU A 138 20.02 1.28 13.38
C LEU A 138 21.12 2.30 13.58
N GLY A 139 20.75 3.59 13.59
CA GLY A 139 21.73 4.64 13.78
C GLY A 139 21.44 5.50 15.01
N SER B 2 -13.13 8.76 -14.27
CA SER B 2 -14.14 7.89 -14.94
C SER B 2 -14.93 7.15 -13.86
N LEU B 3 -16.22 6.91 -14.12
CA LEU B 3 -17.08 6.21 -13.17
C LEU B 3 -16.74 4.73 -13.13
N ILE B 4 -16.43 4.21 -11.95
CA ILE B 4 -16.09 2.79 -11.81
C ILE B 4 -17.25 1.97 -11.25
N TRP B 5 -18.03 2.56 -10.36
CA TRP B 5 -19.13 1.87 -9.70
C TRP B 5 -20.16 1.24 -10.63
N LYS B 6 -20.66 0.07 -10.22
CA LYS B 6 -21.68 -0.63 -10.98
C LYS B 6 -23.01 -0.57 -10.25
N ARG B 7 -22.96 -0.22 -8.97
CA ARG B 7 -24.16 -0.05 -8.15
C ARG B 7 -24.20 1.44 -7.90
N HIS B 8 -25.38 2.03 -8.02
CA HIS B 8 -25.49 3.46 -7.81
C HIS B 8 -26.31 3.78 -6.57
N LEU B 9 -25.64 4.29 -5.54
CA LEU B 9 -26.29 4.61 -4.27
C LEU B 9 -25.84 5.99 -3.78
N THR B 10 -26.71 6.67 -3.02
CA THR B 10 -26.40 7.99 -2.48
C THR B 10 -25.70 7.83 -1.11
N LEU B 11 -25.07 8.90 -0.64
CA LEU B 11 -24.40 8.87 0.66
C LEU B 11 -25.43 8.56 1.75
N ASP B 12 -26.65 9.05 1.53
CA ASP B 12 -27.77 8.82 2.45
C ASP B 12 -28.07 7.33 2.55
N GLU B 13 -28.11 6.66 1.39
CA GLU B 13 -28.37 5.23 1.35
C GLU B 13 -27.19 4.47 1.96
N LEU B 14 -25.97 4.95 1.71
CA LEU B 14 -24.78 4.30 2.26
C LEU B 14 -24.79 4.29 3.78
N ASN B 15 -25.05 5.44 4.38
CA ASN B 15 -25.08 5.55 5.83
C ASN B 15 -26.24 4.77 6.45
N ALA B 16 -27.33 4.62 5.72
CA ALA B 16 -28.48 3.87 6.22
C ALA B 16 -28.14 2.40 6.45
N THR B 17 -27.19 1.86 5.69
CA THR B 17 -26.81 0.46 5.84
C THR B 17 -26.07 0.17 7.15
N SER B 18 -25.55 1.21 7.80
CA SER B 18 -24.78 1.07 9.03
C SER B 18 -25.61 0.71 10.27
N ASP B 19 -26.92 0.94 10.20
CA ASP B 19 -27.82 0.65 11.32
C ASP B 19 -27.61 -0.72 11.93
N ASN B 20 -27.44 -0.75 13.25
CA ASN B 20 -27.26 -2.00 13.99
C ASN B 20 -26.04 -2.81 13.60
N THR B 21 -24.95 -2.14 13.24
CA THR B 21 -23.71 -2.83 12.91
C THR B 21 -22.58 -2.12 13.63
N MET B 22 -21.38 -2.67 13.48
CA MET B 22 -20.19 -2.11 14.10
C MET B 22 -19.90 -0.72 13.52
N VAL B 23 -20.26 -0.50 12.26
CA VAL B 23 -20.02 0.79 11.61
C VAL B 23 -20.67 1.91 12.40
N ALA B 24 -21.95 1.75 12.73
CA ALA B 24 -22.68 2.76 13.52
C ALA B 24 -22.17 2.77 14.97
N HIS B 25 -21.85 1.59 15.49
CA HIS B 25 -21.36 1.46 16.86
C HIS B 25 -20.10 2.30 17.12
N LEU B 26 -19.27 2.46 16.10
CA LEU B 26 -18.04 3.26 16.23
C LEU B 26 -18.23 4.69 15.73
N GLY B 27 -19.45 5.04 15.36
CA GLY B 27 -19.74 6.38 14.87
C GLY B 27 -19.12 6.70 13.52
N ILE B 28 -18.90 5.69 12.67
CA ILE B 28 -18.31 5.93 11.35
C ILE B 28 -19.36 6.48 10.39
N VAL B 29 -18.98 7.48 9.60
CA VAL B 29 -19.89 8.13 8.67
C VAL B 29 -19.29 8.29 7.28
N TYR B 30 -20.00 7.82 6.25
CA TYR B 30 -19.50 7.98 4.88
C TYR B 30 -19.66 9.46 4.56
N THR B 31 -18.58 10.12 4.14
CA THR B 31 -18.63 11.55 3.90
C THR B 31 -18.39 12.04 2.47
N ARG B 32 -18.04 11.13 1.56
CA ARG B 32 -17.78 11.55 0.19
C ARG B 32 -17.79 10.36 -0.76
N LEU B 33 -18.42 10.56 -1.91
CA LEU B 33 -18.47 9.50 -2.93
C LEU B 33 -18.17 10.14 -4.29
N GLY B 34 -17.00 9.81 -4.84
CA GLY B 34 -16.62 10.35 -6.12
C GLY B 34 -16.75 9.30 -7.21
N ASP B 35 -16.27 9.62 -8.41
CA ASP B 35 -16.30 8.72 -9.55
C ASP B 35 -15.53 7.44 -9.27
N ASP B 36 -14.43 7.59 -8.53
CA ASP B 36 -13.54 6.48 -8.25
C ASP B 36 -12.96 6.53 -6.84
N VAL B 37 -13.69 7.08 -5.88
CA VAL B 37 -13.20 7.17 -4.51
C VAL B 37 -14.34 7.23 -3.50
N LEU B 38 -14.08 6.75 -2.29
CA LEU B 38 -15.06 6.75 -1.20
C LEU B 38 -14.33 7.18 0.08
N GLU B 39 -14.98 7.99 0.88
CA GLU B 39 -14.38 8.49 2.12
C GLU B 39 -15.35 8.37 3.28
N ALA B 40 -14.80 8.27 4.49
CA ALA B 40 -15.59 8.17 5.71
C ALA B 40 -14.77 8.75 6.87
N GLU B 41 -15.47 9.24 7.89
CA GLU B 41 -14.82 9.83 9.05
C GLU B 41 -15.21 9.05 10.30
N MET B 42 -14.31 9.06 11.28
CA MET B 42 -14.52 8.34 12.53
C MET B 42 -13.98 9.14 13.70
N PRO B 43 -14.73 9.20 14.81
CA PRO B 43 -14.31 9.94 16.01
C PRO B 43 -13.18 9.26 16.78
N VAL B 44 -12.36 10.08 17.43
CA VAL B 44 -11.27 9.57 18.25
C VAL B 44 -11.63 9.92 19.69
N ASP B 45 -12.40 9.03 20.32
CA ASP B 45 -12.83 9.22 21.70
C ASP B 45 -12.89 7.89 22.45
N THR B 46 -13.62 7.86 23.56
CA THR B 46 -13.73 6.66 24.38
C THR B 46 -14.17 5.39 23.65
N ARG B 47 -14.89 5.55 22.55
CA ARG B 47 -15.38 4.41 21.78
C ARG B 47 -14.27 3.77 20.95
N THR B 48 -13.26 4.57 20.62
CA THR B 48 -12.14 4.13 19.79
C THR B 48 -10.73 4.26 20.37
N HIS B 49 -10.61 4.49 21.67
CA HIS B 49 -9.32 4.61 22.36
C HIS B 49 -8.79 3.26 22.84
N GLN B 50 -7.49 3.21 23.13
CA GLN B 50 -6.87 2.03 23.73
C GLN B 50 -6.56 2.51 25.18
N PRO B 51 -6.25 1.59 26.10
CA PRO B 51 -5.95 1.93 27.50
C PRO B 51 -5.04 3.12 27.85
N PHE B 52 -4.22 3.58 26.91
CA PHE B 52 -3.35 4.70 27.23
C PHE B 52 -3.86 6.06 26.76
N GLY B 53 -5.06 6.07 26.18
CA GLY B 53 -5.63 7.33 25.72
C GLY B 53 -5.39 7.72 24.27
N LEU B 54 -4.78 6.83 23.49
CA LEU B 54 -4.54 7.12 22.08
C LEU B 54 -5.54 6.32 21.21
N LEU B 55 -5.61 6.64 19.93
CA LEU B 55 -6.51 5.92 19.02
C LEU B 55 -6.05 4.48 18.84
N HIS B 56 -6.96 3.53 19.09
CA HIS B 56 -6.69 2.10 18.98
C HIS B 56 -6.37 1.71 17.54
N GLY B 57 -5.28 0.97 17.33
CA GLY B 57 -4.93 0.53 16.00
C GLY B 57 -6.06 -0.31 15.39
N GLY B 58 -6.81 -0.99 16.26
CA GLY B 58 -7.91 -1.80 15.80
C GLY B 58 -9.03 -0.98 15.20
N ALA B 59 -9.17 0.29 15.63
CA ALA B 59 -10.20 1.16 15.10
C ALA B 59 -9.84 1.62 13.69
N SER B 60 -8.55 1.92 13.48
CA SER B 60 -8.08 2.34 12.17
C SER B 60 -8.29 1.20 11.18
N ALA B 61 -8.05 -0.02 11.64
CA ALA B 61 -8.20 -1.20 10.80
C ALA B 61 -9.67 -1.44 10.46
N ALA B 62 -10.55 -1.18 11.42
CA ALA B 62 -11.98 -1.36 11.22
C ALA B 62 -12.52 -0.35 10.21
N LEU B 63 -12.02 0.87 10.28
CA LEU B 63 -12.42 1.92 9.35
C LEU B 63 -12.03 1.49 7.93
N ALA B 64 -10.81 0.97 7.79
CA ALA B 64 -10.32 0.53 6.48
C ALA B 64 -11.11 -0.65 5.91
N GLU B 65 -11.38 -1.67 6.72
CA GLU B 65 -12.14 -2.82 6.24
C GLU B 65 -13.56 -2.39 5.89
N THR B 66 -14.10 -1.43 6.64
CA THR B 66 -15.43 -0.90 6.35
C THR B 66 -15.43 -0.27 4.96
N LEU B 67 -14.45 0.60 4.69
CA LEU B 67 -14.36 1.28 3.40
C LEU B 67 -14.13 0.37 2.20
N GLY B 68 -13.15 -0.52 2.30
CA GLY B 68 -12.86 -1.44 1.20
C GLY B 68 -14.02 -2.36 0.90
N SER B 69 -14.72 -2.81 1.94
CA SER B 69 -15.87 -3.70 1.77
C SER B 69 -17.01 -3.02 1.01
N MET B 70 -17.36 -1.80 1.40
CA MET B 70 -18.44 -1.06 0.76
C MET B 70 -18.12 -0.74 -0.69
N ALA B 71 -16.87 -0.32 -0.93
CA ALA B 71 -16.44 -0.02 -2.29
C ALA B 71 -16.52 -1.29 -3.12
N GLY B 72 -16.12 -2.41 -2.51
CA GLY B 72 -16.19 -3.68 -3.21
C GLY B 72 -17.64 -4.01 -3.56
N PHE B 73 -18.54 -3.73 -2.64
CA PHE B 73 -19.96 -3.97 -2.85
C PHE B 73 -20.54 -3.17 -4.02
N MET B 74 -20.20 -1.89 -4.10
CA MET B 74 -20.70 -1.04 -5.18
C MET B 74 -20.06 -1.42 -6.52
N MET B 75 -19.18 -2.40 -6.48
CA MET B 75 -18.49 -2.87 -7.68
C MET B 75 -19.16 -4.13 -8.23
N THR B 76 -20.24 -4.56 -7.59
CA THR B 76 -20.95 -5.77 -8.01
C THR B 76 -22.38 -5.45 -8.43
N ARG B 77 -23.02 -6.39 -9.13
CA ARG B 77 -24.40 -6.19 -9.56
C ARG B 77 -25.32 -7.17 -8.86
N ASP B 78 -26.62 -6.90 -8.94
CA ASP B 78 -27.63 -7.74 -8.31
C ASP B 78 -27.25 -9.22 -8.32
N GLY B 79 -27.33 -9.84 -7.14
CA GLY B 79 -27.00 -11.25 -7.04
C GLY B 79 -25.60 -11.52 -6.52
N GLN B 80 -24.63 -10.72 -6.95
CA GLN B 80 -23.25 -10.90 -6.51
C GLN B 80 -22.96 -10.31 -5.13
N CYS B 81 -21.85 -10.76 -4.53
CA CYS B 81 -21.46 -10.29 -3.22
C CYS B 81 -19.94 -10.34 -3.08
N VAL B 82 -19.38 -9.52 -2.19
CA VAL B 82 -17.94 -9.49 -1.97
C VAL B 82 -17.62 -9.87 -0.54
N VAL B 83 -16.35 -10.16 -0.28
CA VAL B 83 -15.91 -10.52 1.07
C VAL B 83 -14.43 -10.18 1.27
N GLY B 84 -14.12 -9.58 2.41
CA GLY B 84 -12.74 -9.23 2.70
C GLY B 84 -11.96 -10.50 3.02
N THR B 85 -10.82 -10.68 2.36
CA THR B 85 -10.00 -11.87 2.58
C THR B 85 -8.64 -11.58 3.23
N GLU B 86 -7.96 -10.55 2.75
CA GLU B 86 -6.64 -10.21 3.29
C GLU B 86 -6.53 -8.72 3.60
N LEU B 87 -6.15 -8.41 4.84
CA LEU B 87 -6.00 -7.04 5.29
C LEU B 87 -4.65 -6.85 6.00
N ASN B 88 -3.97 -5.73 5.71
CA ASN B 88 -2.73 -5.40 6.41
C ASN B 88 -2.76 -3.90 6.66
N ALA B 89 -2.02 -3.47 7.68
CA ALA B 89 -1.99 -2.06 8.06
C ALA B 89 -0.70 -1.70 8.75
N THR B 90 -0.22 -0.48 8.50
CA THR B 90 1.00 0.04 9.12
C THR B 90 0.60 1.31 9.88
N HIS B 91 0.85 1.33 11.20
CA HIS B 91 0.49 2.50 12.00
C HIS B 91 1.71 3.42 12.07
N HIS B 92 1.65 4.54 11.37
CA HIS B 92 2.77 5.48 11.28
C HIS B 92 2.91 6.52 12.39
N ARG B 93 1.77 7.08 12.79
CA ARG B 93 1.75 8.17 13.75
C ARG B 93 0.54 8.09 14.69
N PRO B 94 0.70 8.57 15.95
CA PRO B 94 -0.38 8.55 16.94
C PRO B 94 -1.34 9.74 16.83
N VAL B 95 -2.58 9.53 17.29
CA VAL B 95 -3.65 10.52 17.30
C VAL B 95 -4.39 10.29 18.62
N SER B 96 -4.89 11.36 19.24
CA SER B 96 -5.60 11.19 20.50
C SER B 96 -6.94 11.92 20.61
N GLU B 97 -7.22 12.85 19.71
CA GLU B 97 -8.49 13.58 19.75
C GLU B 97 -8.96 14.02 18.38
N GLY B 98 -10.21 14.47 18.32
CA GLY B 98 -10.77 14.92 17.06
C GLY B 98 -11.36 13.73 16.31
N LYS B 99 -11.11 13.70 14.99
CA LYS B 99 -11.60 12.63 14.15
C LYS B 99 -10.56 12.35 13.06
N VAL B 100 -10.63 11.17 12.44
CA VAL B 100 -9.72 10.83 11.35
C VAL B 100 -10.55 10.58 10.10
N ARG B 101 -9.90 10.67 8.94
CA ARG B 101 -10.58 10.52 7.66
C ARG B 101 -9.89 9.46 6.78
N GLY B 102 -10.65 8.47 6.34
CA GLY B 102 -10.09 7.42 5.50
C GLY B 102 -10.47 7.62 4.04
N VAL B 103 -9.51 7.49 3.15
CA VAL B 103 -9.75 7.66 1.71
C VAL B 103 -9.46 6.33 1.00
N CYS B 104 -10.48 5.76 0.37
CA CYS B 104 -10.36 4.48 -0.32
C CYS B 104 -10.41 4.56 -1.85
N GLN B 105 -9.39 4.03 -2.51
CA GLN B 105 -9.32 4.02 -3.98
C GLN B 105 -8.86 2.63 -4.47
N PRO B 106 -9.28 2.23 -5.69
CA PRO B 106 -8.92 0.93 -6.26
C PRO B 106 -7.47 0.84 -6.72
N LEU B 107 -6.90 -0.35 -6.62
CA LEU B 107 -5.54 -0.60 -7.06
C LEU B 107 -5.65 -1.60 -8.18
N HIS B 108 -6.59 -2.53 -8.02
CA HIS B 108 -6.84 -3.58 -9.02
C HIS B 108 -8.30 -4.02 -8.98
N LEU B 109 -8.95 -4.00 -10.14
CA LEU B 109 -10.33 -4.42 -10.23
C LEU B 109 -10.43 -5.61 -11.18
N GLY B 110 -10.60 -6.79 -10.59
CA GLY B 110 -10.71 -7.99 -11.39
C GLY B 110 -12.11 -8.58 -11.31
N ARG B 111 -12.49 -9.32 -12.34
CA ARG B 111 -13.81 -9.94 -12.37
C ARG B 111 -13.96 -10.89 -11.20
N GLN B 112 -12.84 -11.41 -10.71
CA GLN B 112 -12.87 -12.37 -9.61
C GLN B 112 -12.31 -11.81 -8.30
N ASN B 113 -11.30 -10.94 -8.39
CA ASN B 113 -10.68 -10.36 -7.21
C ASN B 113 -10.60 -8.83 -7.28
N GLN B 114 -10.22 -8.22 -6.17
CA GLN B 114 -10.09 -6.75 -6.11
C GLN B 114 -9.07 -6.40 -5.04
N SER B 115 -8.44 -5.24 -5.19
CA SER B 115 -7.46 -4.80 -4.20
C SER B 115 -7.71 -3.31 -3.97
N TRP B 116 -7.89 -2.92 -2.71
CA TRP B 116 -8.16 -1.53 -2.38
C TRP B 116 -7.13 -0.89 -1.46
N GLU B 117 -6.86 0.38 -1.72
CA GLU B 117 -5.94 1.16 -0.91
C GLU B 117 -6.77 2.02 0.04
N ILE B 118 -6.36 2.10 1.30
CA ILE B 118 -7.07 2.95 2.25
C ILE B 118 -6.03 3.71 3.07
N VAL B 119 -6.03 5.03 2.96
CA VAL B 119 -5.10 5.88 3.71
C VAL B 119 -5.93 6.68 4.72
N VAL B 120 -5.45 6.76 5.96
CA VAL B 120 -6.16 7.48 7.01
C VAL B 120 -5.37 8.72 7.43
N PHE B 121 -6.01 9.89 7.38
CA PHE B 121 -5.34 11.14 7.74
C PHE B 121 -5.90 11.77 9.02
N ASP B 122 -5.05 12.49 9.76
CA ASP B 122 -5.54 13.18 10.96
C ASP B 122 -6.12 14.51 10.49
N GLU B 123 -6.61 15.35 11.40
CA GLU B 123 -7.21 16.63 10.99
C GLU B 123 -6.24 17.60 10.30
N GLN B 124 -4.94 17.43 10.56
CA GLN B 124 -3.93 18.30 9.96
C GLN B 124 -3.50 17.82 8.57
N GLY B 125 -4.15 16.79 8.06
CA GLY B 125 -3.80 16.29 6.74
C GLY B 125 -2.57 15.38 6.75
N ARG B 126 -2.16 14.97 7.94
CA ARG B 126 -0.99 14.08 8.06
C ARG B 126 -1.39 12.61 8.03
N ARG B 127 -0.65 11.83 7.26
CA ARG B 127 -0.90 10.40 7.14
C ARG B 127 -0.61 9.69 8.46
N CYS B 128 -1.62 9.01 9.01
CA CYS B 128 -1.42 8.31 10.26
C CYS B 128 -1.40 6.80 10.09
N CYS B 129 -2.04 6.29 9.05
CA CYS B 129 -2.07 4.85 8.82
C CYS B 129 -2.28 4.53 7.35
N THR B 130 -1.58 3.50 6.85
CA THR B 130 -1.72 3.07 5.46
C THR B 130 -2.18 1.61 5.46
N CYS B 131 -3.28 1.30 4.76
CA CYS B 131 -3.81 -0.07 4.69
C CYS B 131 -4.10 -0.52 3.26
N ARG B 132 -4.26 -1.83 3.09
CA ARG B 132 -4.60 -2.43 1.81
C ARG B 132 -5.51 -3.64 2.11
N LEU B 133 -6.63 -3.73 1.41
CA LEU B 133 -7.58 -4.81 1.61
C LEU B 133 -7.89 -5.56 0.32
N GLY B 134 -7.71 -6.89 0.35
CA GLY B 134 -8.02 -7.68 -0.81
C GLY B 134 -9.45 -8.20 -0.61
N THR B 135 -10.24 -8.24 -1.66
CA THR B 135 -11.61 -8.74 -1.52
C THR B 135 -11.97 -9.72 -2.62
N ALA B 136 -12.83 -10.67 -2.28
CA ALA B 136 -13.26 -11.67 -3.25
C ALA B 136 -14.71 -11.43 -3.62
N VAL B 137 -15.01 -11.54 -4.92
CA VAL B 137 -16.37 -11.36 -5.41
C VAL B 137 -16.97 -12.74 -5.66
N LEU B 138 -18.11 -13.01 -5.02
CA LEU B 138 -18.76 -14.30 -5.19
C LEU B 138 -19.89 -14.27 -6.21
N GLY B 139 -21.11 -14.08 -5.73
CA GLY B 139 -22.25 -14.05 -6.61
C GLY B 139 -23.21 -15.16 -6.27
#